data_4H1X
#
_entry.id   4H1X
#
_cell.length_a   72.743
_cell.length_b   61.624
_cell.length_c   67.227
_cell.angle_alpha   90.000
_cell.angle_beta   120.300
_cell.angle_gamma   90.000
#
_symmetry.space_group_name_H-M   'C 1 2 1'
#
loop_
_entity.id
_entity.type
_entity.pdbx_description
1 polymer 'Phosphate-binding protein pstS 2'
2 non-polymer 'CHLORIDE ION'
3 non-polymer 'CITRIC ACID'
4 water water
#
_entity_poly.entity_id   1
_entity_poly.type   'polypeptide(L)'
_entity_poly.pdbx_seq_one_letter_code
;GASKQSASGTIEVISRENGSGTRGAFTEITGILKKDGDKKIDNTAKTAVIQNSTEGVLSAVQGNANAIGYISLGSLTKSV
KALEIDGVKASRDTVLDGEYPLQRPFNIVWSSNLSKLGQDFISFIHSKQGQQVVTDNKFIEAKTETTEYTSQHLSGKLSV
VGSTSVSSL(MSE)EKLAEAYKKENPEVTIDITSNGSSAGITAVKEKTADIG(MSE)VSRELTPEEGKSLTHDAIALDGI
AVVVNNDNKASQVS(MSE)AELADVFSGKLTTWDKIK
;
_entity_poly.pdbx_strand_id   A
#
# COMPACT_ATOMS: atom_id res chain seq x y z
N GLY A 9 22.46 21.54 4.01
CA GLY A 9 21.91 22.16 2.81
C GLY A 9 20.40 22.09 2.70
N THR A 10 19.85 22.58 1.57
CA THR A 10 18.42 22.65 1.23
C THR A 10 17.84 21.25 0.94
N ILE A 11 16.76 20.87 1.64
CA ILE A 11 16.12 19.56 1.44
C ILE A 11 15.40 19.53 0.07
N GLU A 12 15.69 18.48 -0.73
CA GLU A 12 15.04 18.29 -2.03
CA GLU A 12 15.03 18.30 -2.02
C GLU A 12 13.95 17.24 -1.82
N VAL A 13 12.70 17.69 -1.70
CA VAL A 13 11.58 16.78 -1.46
C VAL A 13 11.18 16.11 -2.79
N ILE A 14 11.19 14.79 -2.80
CA ILE A 14 10.76 14.01 -3.96
C ILE A 14 9.34 13.52 -3.70
N SER A 15 8.37 13.98 -4.50
CA SER A 15 6.98 13.54 -4.35
C SER A 15 6.62 12.55 -5.46
N ARG A 16 5.65 11.66 -5.20
CA ARG A 16 5.14 10.82 -6.27
C ARG A 16 4.15 11.67 -7.09
N GLU A 17 3.81 11.22 -8.31
CA GLU A 17 2.90 11.97 -9.20
C GLU A 17 1.49 12.04 -8.62
N ASN A 18 0.73 13.07 -9.02
CA ASN A 18 -0.65 13.26 -8.59
C ASN A 18 -1.49 12.03 -8.98
N GLY A 19 -2.27 11.51 -8.04
CA GLY A 19 -3.09 10.33 -8.27
C GLY A 19 -2.43 9.03 -7.85
N SER A 20 -1.11 9.07 -7.53
CA SER A 20 -0.37 7.88 -7.06
C SER A 20 -1.03 7.34 -5.78
N GLY A 21 -1.26 6.03 -5.69
CA GLY A 21 -1.83 5.44 -4.48
C GLY A 21 -0.90 5.58 -3.27
N THR A 22 0.43 5.43 -3.50
CA THR A 22 1.42 5.58 -2.45
C THR A 22 1.44 7.02 -1.93
N ARG A 23 1.29 8.01 -2.86
CA ARG A 23 1.21 9.42 -2.46
C ARG A 23 -0.04 9.64 -1.59
N GLY A 24 -1.17 9.09 -2.01
CA GLY A 24 -2.43 9.21 -1.29
C GLY A 24 -2.30 8.69 0.12
N ALA A 25 -1.70 7.51 0.27
CA ALA A 25 -1.50 6.88 1.58
C ALA A 25 -0.55 7.71 2.45
N PHE A 26 0.62 8.05 1.90
CA PHE A 26 1.63 8.83 2.60
C PHE A 26 1.06 10.14 3.13
N THR A 27 0.43 10.93 2.26
CA THR A 27 -0.11 12.23 2.66
C THR A 27 -1.27 12.08 3.66
N GLU A 28 -2.09 11.02 3.54
CA GLU A 28 -3.18 10.78 4.52
C GLU A 28 -2.58 10.42 5.91
N ILE A 29 -1.68 9.43 5.94
CA ILE A 29 -1.08 8.95 7.19
C ILE A 29 -0.30 10.07 7.95
N THR A 30 0.50 10.88 7.23
CA THR A 30 1.27 11.97 7.85
C THR A 30 0.41 13.21 8.20
N GLY A 31 -0.82 13.27 7.67
CA GLY A 31 -1.73 14.39 7.91
C GLY A 31 -1.52 15.59 7.00
N ILE A 32 -0.73 15.39 5.90
CA ILE A 32 -0.43 16.42 4.89
CA ILE A 32 -0.43 16.41 4.89
C ILE A 32 -1.68 16.63 4.04
N LEU A 33 -2.52 15.59 3.91
CA LEU A 33 -3.78 15.61 3.17
C LEU A 33 -4.86 15.85 4.22
N LYS A 34 -5.38 17.09 4.26
CA LYS A 34 -6.40 17.53 5.22
C LYS A 34 -7.74 17.76 4.54
N LYS A 35 -8.84 17.42 5.22
CA LYS A 35 -10.18 17.64 4.70
C LYS A 35 -10.88 18.76 5.47
N ASP A 36 -11.11 19.90 4.80
CA ASP A 36 -11.83 21.05 5.36
C ASP A 36 -13.27 20.99 4.81
N GLY A 37 -13.94 19.87 5.12
CA GLY A 37 -15.28 19.51 4.67
C GLY A 37 -15.21 18.26 3.81
N ASP A 38 -15.88 18.29 2.65
CA ASP A 38 -15.85 17.17 1.68
C ASP A 38 -14.87 17.54 0.54
N LYS A 39 -13.94 18.48 0.82
CA LYS A 39 -12.88 18.96 -0.06
C LYS A 39 -11.53 18.71 0.62
N LYS A 40 -10.70 17.85 0.02
CA LYS A 40 -9.38 17.50 0.54
C LYS A 40 -8.28 18.38 -0.07
N ILE A 41 -7.40 18.95 0.79
CA ILE A 41 -6.27 19.77 0.36
CA ILE A 41 -6.27 19.78 0.35
C ILE A 41 -4.96 19.02 0.64
N ASP A 42 -4.16 18.78 -0.42
CA ASP A 42 -2.86 18.11 -0.34
C ASP A 42 -1.81 19.19 -0.08
N ASN A 43 -1.26 19.23 1.14
CA ASN A 43 -0.30 20.26 1.49
C ASN A 43 1.17 19.90 1.14
N THR A 44 1.38 18.93 0.23
CA THR A 44 2.73 18.55 -0.23
C THR A 44 3.48 19.82 -0.66
N ALA A 45 4.71 19.99 -0.18
CA ALA A 45 5.55 21.16 -0.51
C ALA A 45 5.42 21.53 -1.99
N LYS A 46 5.14 22.82 -2.27
CA LYS A 46 5.02 23.31 -3.65
C LYS A 46 6.38 23.29 -4.37
N THR A 47 7.51 23.14 -3.63
CA THR A 47 8.85 23.06 -4.22
C THR A 47 9.20 21.63 -4.63
N ALA A 48 8.43 20.62 -4.12
CA ALA A 48 8.72 19.21 -4.38
C ALA A 48 8.76 18.87 -5.86
N VAL A 49 9.76 18.09 -6.28
CA VAL A 49 9.84 17.62 -7.67
C VAL A 49 9.11 16.28 -7.72
N ILE A 50 8.68 15.88 -8.90
CA ILE A 50 7.88 14.65 -9.07
C ILE A 50 8.65 13.53 -9.72
N GLN A 51 8.40 12.30 -9.21
CA GLN A 51 8.88 11.04 -9.77
C GLN A 51 7.62 10.17 -10.00
N ASN A 52 7.57 9.51 -11.15
CA ASN A 52 6.40 8.74 -11.62
CA ASN A 52 6.40 8.75 -11.60
C ASN A 52 6.35 7.28 -11.13
N SER A 53 7.38 6.81 -10.41
CA SER A 53 7.40 5.42 -9.94
C SER A 53 8.32 5.23 -8.75
N THR A 54 8.26 4.01 -8.13
CA THR A 54 9.14 3.61 -7.06
C THR A 54 10.60 3.68 -7.52
N GLU A 55 10.90 3.16 -8.76
CA GLU A 55 12.24 3.17 -9.36
CA GLU A 55 12.27 3.18 -9.27
C GLU A 55 12.75 4.61 -9.53
N GLY A 56 11.84 5.49 -9.94
CA GLY A 56 12.14 6.90 -10.16
C GLY A 56 12.52 7.59 -8.86
N VAL A 57 11.76 7.28 -7.76
CA VAL A 57 12.06 7.84 -6.43
C VAL A 57 13.45 7.35 -6.00
N LEU A 58 13.71 6.03 -6.09
CA LEU A 58 15.00 5.42 -5.74
C LEU A 58 16.16 6.07 -6.48
N SER A 59 16.02 6.28 -7.80
CA SER A 59 17.03 6.91 -8.64
C SER A 59 17.30 8.37 -8.20
N ALA A 60 16.22 9.15 -7.98
CA ALA A 60 16.33 10.54 -7.58
C ALA A 60 17.01 10.67 -6.20
N VAL A 61 16.64 9.80 -5.24
CA VAL A 61 17.24 9.87 -3.88
C VAL A 61 18.71 9.41 -3.94
N GLN A 62 19.00 8.30 -4.63
CA GLN A 62 20.39 7.84 -4.79
C GLN A 62 21.24 8.90 -5.53
N GLY A 63 20.63 9.63 -6.48
CA GLY A 63 21.31 10.60 -7.32
C GLY A 63 21.55 11.99 -6.76
N ASN A 64 20.93 12.28 -5.60
CA ASN A 64 21.05 13.61 -5.01
C ASN A 64 21.23 13.50 -3.51
N ALA A 65 22.39 13.98 -2.99
CA ALA A 65 22.74 13.91 -1.55
C ALA A 65 21.69 14.53 -0.62
N ASN A 66 21.00 15.59 -1.07
CA ASN A 66 20.01 16.33 -0.26
C ASN A 66 18.57 15.85 -0.41
N ALA A 67 18.34 14.77 -1.15
CA ALA A 67 16.96 14.39 -1.43
C ALA A 67 16.33 13.49 -0.35
N ILE A 68 15.00 13.53 -0.31
CA ILE A 68 14.18 12.68 0.54
C ILE A 68 12.94 12.28 -0.24
N GLY A 69 12.53 11.02 -0.10
CA GLY A 69 11.35 10.53 -0.80
C GLY A 69 10.70 9.41 -0.04
N TYR A 70 9.63 8.84 -0.59
CA TYR A 70 8.95 7.73 0.07
C TYR A 70 8.68 6.63 -0.96
N ILE A 71 8.83 5.38 -0.53
CA ILE A 71 8.60 4.21 -1.39
C ILE A 71 7.92 3.10 -0.59
N SER A 72 7.33 2.15 -1.32
CA SER A 72 6.79 0.94 -0.71
CA SER A 72 6.79 0.94 -0.71
C SER A 72 7.96 0.24 0.01
N LEU A 73 7.78 -0.18 1.26
CA LEU A 73 8.83 -0.81 2.06
C LEU A 73 9.51 -2.02 1.37
N GLY A 74 8.72 -2.85 0.68
CA GLY A 74 9.25 -4.02 -0.04
C GLY A 74 10.22 -3.70 -1.16
N SER A 75 10.24 -2.44 -1.60
CA SER A 75 11.10 -1.96 -2.68
C SER A 75 12.42 -1.34 -2.18
N LEU A 76 12.65 -1.29 -0.86
CA LEU A 76 13.87 -0.71 -0.27
C LEU A 76 15.10 -1.50 -0.70
N THR A 77 16.17 -0.78 -1.09
CA THR A 77 17.45 -1.39 -1.48
C THR A 77 18.57 -0.69 -0.73
N LYS A 78 19.79 -1.27 -0.80
CA LYS A 78 21.02 -0.72 -0.20
C LYS A 78 21.48 0.60 -0.87
N SER A 79 20.88 0.99 -2.03
CA SER A 79 21.25 2.21 -2.77
CA SER A 79 21.24 2.20 -2.78
C SER A 79 20.73 3.48 -2.10
N VAL A 80 19.82 3.32 -1.13
CA VAL A 80 19.27 4.45 -0.36
C VAL A 80 19.23 4.03 1.12
N LYS A 81 18.94 4.99 2.01
CA LYS A 81 18.85 4.69 3.44
C LYS A 81 17.45 5.00 3.98
N ALA A 82 16.80 4.03 4.62
CA ALA A 82 15.48 4.27 5.23
C ALA A 82 15.67 4.96 6.59
N LEU A 83 14.93 6.07 6.79
CA LEU A 83 14.95 6.77 8.07
C LEU A 83 14.15 6.00 9.09
N GLU A 84 14.54 6.10 10.37
CA GLU A 84 13.71 5.57 11.44
C GLU A 84 12.63 6.62 11.69
N ILE A 85 11.39 6.20 12.03
CA ILE A 85 10.31 7.15 12.30
CA ILE A 85 10.27 7.13 12.28
C ILE A 85 9.89 6.94 13.75
N ASP A 86 10.00 8.01 14.57
CA ASP A 86 9.72 7.96 16.01
C ASP A 86 10.63 6.92 16.68
N GLY A 87 11.88 6.87 16.23
CA GLY A 87 12.89 5.93 16.71
C GLY A 87 12.68 4.47 16.35
N VAL A 88 11.67 4.17 15.46
CA VAL A 88 11.32 2.80 15.00
C VAL A 88 11.86 2.53 13.59
N LYS A 89 12.63 1.44 13.44
CA LYS A 89 13.19 1.00 12.17
C LYS A 89 12.14 0.21 11.42
N ALA A 90 11.91 0.58 10.15
CA ALA A 90 10.96 -0.12 9.30
C ALA A 90 11.44 -1.56 9.03
N SER A 91 10.57 -2.55 9.30
CA SER A 91 10.84 -3.97 9.05
C SER A 91 9.56 -4.76 9.15
N ARG A 92 9.60 -6.02 8.68
CA ARG A 92 8.52 -6.98 8.80
C ARG A 92 8.01 -6.97 10.23
N ASP A 93 8.91 -7.11 11.21
CA ASP A 93 8.57 -7.19 12.63
C ASP A 93 7.88 -5.94 13.18
N THR A 94 8.35 -4.72 12.85
CA THR A 94 7.78 -3.48 13.41
C THR A 94 6.49 -3.08 12.68
N VAL A 95 6.32 -3.55 11.43
CA VAL A 95 5.07 -3.29 10.73
C VAL A 95 4.01 -4.22 11.36
N LEU A 96 4.35 -5.53 11.49
CA LEU A 96 3.47 -6.54 12.07
C LEU A 96 2.98 -6.19 13.48
N ASP A 97 3.89 -5.79 14.37
CA ASP A 97 3.50 -5.47 15.75
C ASP A 97 2.92 -4.03 15.91
N GLY A 98 2.78 -3.28 14.80
CA GLY A 98 2.23 -1.93 14.83
C GLY A 98 3.11 -0.82 15.37
N GLU A 99 4.39 -1.11 15.69
CA GLU A 99 5.32 -0.08 16.17
C GLU A 99 5.63 0.94 15.08
N TYR A 100 5.77 0.46 13.83
CA TYR A 100 6.10 1.31 12.68
C TYR A 100 4.80 1.94 12.15
N PRO A 101 4.65 3.28 12.20
CA PRO A 101 3.36 3.90 11.88
C PRO A 101 3.02 4.15 10.40
N LEU A 102 4.01 4.21 9.50
CA LEU A 102 3.73 4.45 8.07
CA LEU A 102 3.75 4.47 8.08
C LEU A 102 3.42 3.14 7.40
N GLN A 103 2.17 2.73 7.53
CA GLN A 103 1.70 1.47 6.96
C GLN A 103 0.21 1.54 6.75
N ARG A 104 -0.27 0.70 5.86
CA ARG A 104 -1.69 0.62 5.58
C ARG A 104 -2.04 -0.82 5.23
N PRO A 105 -3.28 -1.23 5.52
CA PRO A 105 -3.69 -2.59 5.15
C PRO A 105 -4.16 -2.64 3.70
N PHE A 106 -3.99 -3.81 3.07
CA PHE A 106 -4.63 -4.12 1.80
C PHE A 106 -5.76 -5.05 2.16
N ASN A 107 -6.95 -4.49 2.26
CA ASN A 107 -8.15 -5.24 2.60
C ASN A 107 -8.90 -5.69 1.37
N ILE A 108 -9.48 -6.88 1.48
CA ILE A 108 -10.48 -7.42 0.58
C ILE A 108 -11.79 -7.40 1.38
N VAL A 109 -12.90 -7.12 0.72
CA VAL A 109 -14.20 -7.02 1.36
C VAL A 109 -15.18 -7.87 0.57
N TRP A 110 -16.15 -8.45 1.26
CA TRP A 110 -17.21 -9.24 0.62
C TRP A 110 -18.47 -9.18 1.48
N SER A 111 -19.59 -9.65 0.92
CA SER A 111 -20.86 -9.68 1.63
C SER A 111 -21.40 -11.10 1.62
N SER A 112 -22.63 -11.25 2.10
CA SER A 112 -23.34 -12.51 2.08
C SER A 112 -23.60 -12.96 0.63
N ASN A 113 -23.41 -12.03 -0.35
CA ASN A 113 -23.56 -12.33 -1.79
C ASN A 113 -22.36 -13.13 -2.37
N LEU A 114 -21.26 -13.29 -1.60
CA LEU A 114 -20.05 -13.96 -2.08
C LEU A 114 -20.33 -15.40 -2.55
N SER A 115 -20.15 -15.62 -3.86
CA SER A 115 -20.39 -16.91 -4.53
C SER A 115 -19.49 -18.01 -4.00
N LYS A 116 -19.85 -19.29 -4.25
CA LYS A 116 -19.00 -20.43 -3.91
C LYS A 116 -17.60 -20.24 -4.55
N LEU A 117 -17.58 -19.77 -5.82
CA LEU A 117 -16.32 -19.54 -6.53
C LEU A 117 -15.49 -18.44 -5.79
N GLY A 118 -16.14 -17.31 -5.44
CA GLY A 118 -15.51 -16.21 -4.70
C GLY A 118 -14.93 -16.72 -3.39
N GLN A 119 -15.69 -17.57 -2.69
CA GLN A 119 -15.24 -18.19 -1.42
C GLN A 119 -14.02 -19.12 -1.67
N ASP A 120 -14.00 -19.84 -2.80
CA ASP A 120 -12.86 -20.71 -3.12
C ASP A 120 -11.61 -19.85 -3.39
N PHE A 121 -11.79 -18.71 -4.08
CA PHE A 121 -10.69 -17.78 -4.35
C PHE A 121 -10.15 -17.21 -3.01
N ILE A 122 -11.04 -16.82 -2.06
CA ILE A 122 -10.66 -16.33 -0.73
CA ILE A 122 -10.53 -16.28 -0.79
C ILE A 122 -9.84 -17.40 0.00
N SER A 123 -10.28 -18.69 -0.11
CA SER A 123 -9.58 -19.81 0.52
CA SER A 123 -9.57 -19.80 0.54
C SER A 123 -8.16 -19.91 -0.03
N PHE A 124 -8.01 -19.72 -1.34
CA PHE A 124 -6.68 -19.73 -1.98
C PHE A 124 -5.82 -18.59 -1.43
N ILE A 125 -6.39 -17.38 -1.34
CA ILE A 125 -5.67 -16.23 -0.80
C ILE A 125 -5.20 -16.50 0.65
N HIS A 126 -6.04 -17.17 1.43
CA HIS A 126 -5.74 -17.51 2.84
C HIS A 126 -4.73 -18.65 2.98
N SER A 127 -4.56 -19.45 1.93
CA SER A 127 -3.70 -20.64 1.99
C SER A 127 -2.21 -20.33 2.11
N LYS A 128 -1.39 -21.38 2.38
CA LYS A 128 0.07 -21.27 2.44
C LYS A 128 0.57 -20.75 1.07
N GLN A 129 -0.01 -21.23 -0.04
CA GLN A 129 0.35 -20.79 -1.42
C GLN A 129 0.00 -19.32 -1.66
N GLY A 130 -1.19 -18.90 -1.22
CA GLY A 130 -1.64 -17.52 -1.34
C GLY A 130 -0.77 -16.57 -0.55
N GLN A 131 -0.43 -16.95 0.68
CA GLN A 131 0.44 -16.16 1.56
C GLN A 131 1.82 -16.05 0.94
N GLN A 132 2.30 -17.13 0.27
CA GLN A 132 3.61 -17.10 -0.39
C GLN A 132 3.62 -16.08 -1.57
N VAL A 133 2.49 -15.90 -2.26
CA VAL A 133 2.41 -14.92 -3.34
C VAL A 133 2.61 -13.51 -2.74
N VAL A 134 1.95 -13.25 -1.59
CA VAL A 134 2.05 -11.96 -0.93
C VAL A 134 3.51 -11.66 -0.54
N THR A 135 4.17 -12.58 0.20
CA THR A 135 5.55 -12.34 0.66
CA THR A 135 5.56 -12.46 0.67
C THR A 135 6.55 -12.33 -0.51
N ASP A 136 6.33 -13.14 -1.56
CA ASP A 136 7.23 -13.16 -2.74
C ASP A 136 7.16 -11.85 -3.49
N ASN A 137 5.99 -11.16 -3.42
CA ASN A 137 5.77 -9.85 -4.04
C ASN A 137 6.14 -8.70 -3.07
N LYS A 138 6.88 -9.05 -2.01
CA LYS A 138 7.54 -8.15 -1.05
C LYS A 138 6.57 -7.33 -0.15
N PHE A 139 5.34 -7.83 0.06
CA PHE A 139 4.42 -7.25 1.04
C PHE A 139 4.56 -8.03 2.34
N ILE A 140 4.02 -7.49 3.42
CA ILE A 140 4.08 -8.18 4.72
C ILE A 140 2.77 -8.96 4.97
N GLU A 141 2.93 -10.24 5.39
CA GLU A 141 1.83 -11.15 5.69
C GLU A 141 1.41 -10.99 7.17
N ALA A 142 0.21 -10.43 7.42
CA ALA A 142 -0.34 -10.19 8.76
C ALA A 142 -0.80 -11.49 9.44
N LYS A 143 -1.30 -12.46 8.66
CA LYS A 143 -1.79 -13.72 9.20
C LYS A 143 -0.66 -14.63 9.64
N THR A 144 -0.84 -15.28 10.80
CA THR A 144 0.11 -16.21 11.39
C THR A 144 -0.37 -17.64 11.13
N GLU A 145 -1.71 -17.82 11.05
CA GLU A 145 -2.36 -19.12 10.81
C GLU A 145 -2.49 -19.40 9.32
N THR A 146 -2.08 -20.61 8.90
CA THR A 146 -2.10 -20.97 7.48
C THR A 146 -2.88 -22.28 7.22
N THR A 147 -3.63 -22.30 6.11
CA THR A 147 -4.43 -23.45 5.68
C THR A 147 -3.90 -24.02 4.36
N GLU A 148 -4.31 -25.25 4.03
CA GLU A 148 -3.90 -25.89 2.78
C GLU A 148 -5.00 -25.64 1.75
N TYR A 149 -4.60 -25.46 0.49
CA TYR A 149 -5.49 -25.31 -0.66
C TYR A 149 -5.30 -26.46 -1.65
N THR A 150 -6.41 -27.06 -2.11
CA THR A 150 -6.42 -28.07 -3.18
C THR A 150 -7.45 -27.59 -4.22
N SER A 151 -7.03 -27.52 -5.51
CA SER A 151 -7.95 -27.04 -6.56
C SER A 151 -9.18 -27.94 -6.76
N GLN A 152 -10.34 -27.31 -6.99
CA GLN A 152 -11.62 -28.00 -7.27
C GLN A 152 -11.85 -27.97 -8.79
N HIS A 153 -10.91 -27.31 -9.52
CA HIS A 153 -10.90 -27.09 -10.98
C HIS A 153 -12.25 -26.50 -11.34
N LEU A 154 -12.56 -25.36 -10.68
CA LEU A 154 -13.85 -24.69 -10.84
C LEU A 154 -13.95 -23.94 -12.13
N SER A 155 -15.16 -23.49 -12.42
CA SER A 155 -15.43 -22.73 -13.61
C SER A 155 -16.33 -21.59 -13.23
N GLY A 156 -16.18 -20.50 -13.94
CA GLY A 156 -16.99 -19.33 -13.68
C GLY A 156 -16.15 -18.09 -13.76
N LYS A 157 -16.80 -16.96 -13.47
CA LYS A 157 -16.15 -15.65 -13.54
CA LYS A 157 -16.17 -15.64 -13.55
C LYS A 157 -16.23 -14.95 -12.19
N LEU A 158 -15.17 -14.21 -11.85
CA LEU A 158 -15.10 -13.41 -10.66
C LEU A 158 -14.81 -12.00 -11.04
N SER A 159 -15.47 -11.06 -10.36
CA SER A 159 -15.22 -9.63 -10.57
C SER A 159 -14.65 -9.08 -9.28
N VAL A 160 -13.44 -8.54 -9.35
CA VAL A 160 -12.75 -7.97 -8.18
C VAL A 160 -12.54 -6.48 -8.47
N VAL A 161 -13.08 -5.59 -7.61
CA VAL A 161 -13.09 -4.17 -7.91
C VAL A 161 -12.57 -3.32 -6.77
N GLY A 162 -11.84 -2.24 -7.10
CA GLY A 162 -11.48 -1.31 -6.03
C GLY A 162 -10.16 -0.58 -6.16
N SER A 163 -9.49 -0.44 -5.02
CA SER A 163 -8.26 0.34 -4.89
C SER A 163 -7.19 -0.01 -5.91
N THR A 164 -6.62 1.02 -6.57
CA THR A 164 -5.56 0.84 -7.55
CA THR A 164 -5.59 0.75 -7.57
C THR A 164 -4.31 0.25 -6.86
N SER A 165 -4.12 0.62 -5.57
CA SER A 165 -2.95 0.15 -4.82
C SER A 165 -2.93 -1.36 -4.63
N VAL A 166 -4.11 -1.99 -4.55
CA VAL A 166 -4.18 -3.44 -4.33
C VAL A 166 -4.20 -4.22 -5.64
N SER A 167 -4.47 -3.54 -6.77
CA SER A 167 -4.61 -4.16 -8.10
CA SER A 167 -4.63 -4.17 -8.10
C SER A 167 -3.44 -5.06 -8.52
N SER A 168 -2.19 -4.57 -8.40
CA SER A 168 -1.02 -5.35 -8.82
C SER A 168 -0.94 -6.66 -8.06
N LEU A 169 -1.08 -6.60 -6.73
CA LEU A 169 -1.04 -7.78 -5.88
C LEU A 169 -2.20 -8.73 -6.20
N GLU A 171 -3.66 -9.08 -9.07
CA GLU A 171 -3.30 -9.67 -10.35
CA GLU A 171 -3.34 -9.73 -10.33
C GLU A 171 -2.39 -10.91 -10.10
N LYS A 172 -1.39 -10.78 -9.20
CA LYS A 172 -0.47 -11.90 -8.88
C LYS A 172 -1.27 -13.08 -8.26
N LEU A 173 -2.21 -12.75 -7.39
CA LEU A 173 -3.05 -13.77 -6.73
C LEU A 173 -3.96 -14.45 -7.74
N ALA A 174 -4.57 -13.66 -8.66
CA ALA A 174 -5.39 -14.21 -9.74
C ALA A 174 -4.58 -15.14 -10.64
N GLU A 175 -3.31 -14.75 -10.99
CA GLU A 175 -2.45 -15.59 -11.85
C GLU A 175 -2.21 -16.95 -11.21
N ALA A 176 -1.83 -16.94 -9.91
CA ALA A 176 -1.52 -18.19 -9.19
C ALA A 176 -2.78 -19.06 -9.06
N TYR A 177 -3.94 -18.42 -8.81
CA TYR A 177 -5.20 -19.15 -8.70
C TYR A 177 -5.61 -19.79 -10.03
N LYS A 178 -5.47 -19.05 -11.16
CA LYS A 178 -5.87 -19.52 -12.50
C LYS A 178 -4.94 -20.63 -12.99
N LYS A 179 -3.72 -20.72 -12.46
CA LYS A 179 -2.80 -21.82 -12.77
C LYS A 179 -3.44 -23.12 -12.24
N GLU A 180 -4.10 -23.04 -11.06
CA GLU A 180 -4.76 -24.17 -10.41
CA GLU A 180 -4.77 -24.15 -10.39
C GLU A 180 -6.19 -24.37 -10.94
N ASN A 181 -6.82 -23.30 -11.43
CA ASN A 181 -8.20 -23.30 -11.93
C ASN A 181 -8.26 -22.67 -13.33
N PRO A 182 -7.78 -23.40 -14.38
CA PRO A 182 -7.71 -22.79 -15.73
C PRO A 182 -9.04 -22.35 -16.35
N GLU A 183 -10.19 -22.86 -15.89
CA GLU A 183 -11.49 -22.46 -16.47
C GLU A 183 -12.20 -21.35 -15.66
N VAL A 184 -11.44 -20.67 -14.79
CA VAL A 184 -11.93 -19.53 -14.01
C VAL A 184 -11.40 -18.26 -14.61
N THR A 185 -12.28 -17.28 -14.86
CA THR A 185 -11.81 -15.98 -15.35
C THR A 185 -11.93 -14.97 -14.22
N ILE A 186 -10.91 -14.14 -14.03
CA ILE A 186 -10.95 -13.13 -12.96
C ILE A 186 -10.72 -11.76 -13.61
N ASP A 187 -11.71 -10.87 -13.52
CA ASP A 187 -11.62 -9.50 -14.00
C ASP A 187 -11.28 -8.61 -12.80
N ILE A 188 -10.28 -7.76 -12.94
CA ILE A 188 -9.90 -6.89 -11.85
C ILE A 188 -10.10 -5.46 -12.32
N THR A 189 -10.98 -4.72 -11.64
CA THR A 189 -11.25 -3.34 -12.00
C THR A 189 -10.63 -2.42 -11.00
N SER A 190 -9.75 -1.53 -11.46
CA SER A 190 -9.11 -0.53 -10.63
C SER A 190 -9.88 0.78 -10.73
N ASN A 191 -10.35 1.28 -9.60
CA ASN A 191 -11.02 2.59 -9.59
C ASN A 191 -10.67 3.31 -8.27
N GLY A 192 -11.12 2.76 -7.14
CA GLY A 192 -10.84 3.31 -5.83
C GLY A 192 -11.53 2.51 -4.76
N SER A 193 -11.09 2.67 -3.50
CA SER A 193 -11.64 1.90 -2.38
C SER A 193 -13.18 2.10 -2.25
N SER A 194 -13.65 3.37 -2.30
CA SER A 194 -15.08 3.68 -2.17
C SER A 194 -15.89 2.98 -3.24
N ALA A 195 -15.40 3.00 -4.51
CA ALA A 195 -16.10 2.35 -5.63
C ALA A 195 -16.13 0.81 -5.48
N GLY A 196 -15.09 0.23 -4.89
CA GLY A 196 -15.04 -1.20 -4.61
C GLY A 196 -16.07 -1.61 -3.57
N ILE A 197 -16.16 -0.84 -2.47
CA ILE A 197 -17.15 -1.12 -1.41
C ILE A 197 -18.58 -1.05 -2.01
N THR A 198 -18.86 0.03 -2.75
CA THR A 198 -20.17 0.23 -3.39
C THR A 198 -20.50 -0.96 -4.33
N ALA A 199 -19.52 -1.41 -5.14
CA ALA A 199 -19.70 -2.49 -6.10
C ALA A 199 -20.07 -3.78 -5.38
N VAL A 200 -19.46 -4.05 -4.22
CA VAL A 200 -19.77 -5.26 -3.46
C VAL A 200 -21.21 -5.17 -2.93
N LYS A 201 -21.58 -4.04 -2.34
CA LYS A 201 -22.93 -3.86 -1.78
C LYS A 201 -24.01 -3.91 -2.88
N GLU A 202 -23.73 -3.33 -4.07
CA GLU A 202 -24.62 -3.31 -5.23
C GLU A 202 -24.63 -4.63 -6.01
N LYS A 203 -23.78 -5.59 -5.60
CA LYS A 203 -23.64 -6.94 -6.15
C LYS A 203 -23.08 -6.93 -7.58
N THR A 204 -22.33 -5.86 -7.97
CA THR A 204 -21.70 -5.77 -9.31
C THR A 204 -20.24 -6.30 -9.25
N ALA A 205 -19.72 -6.48 -8.02
CA ALA A 205 -18.41 -7.09 -7.77
C ALA A 205 -18.60 -8.19 -6.77
N ASP A 206 -17.84 -9.25 -6.93
CA ASP A 206 -17.85 -10.35 -5.98
C ASP A 206 -17.00 -9.97 -4.76
N ILE A 207 -15.85 -9.34 -5.03
CA ILE A 207 -14.90 -8.97 -3.97
C ILE A 207 -14.44 -7.53 -4.23
N GLY A 208 -14.31 -6.78 -3.13
CA GLY A 208 -13.83 -5.41 -3.19
C GLY A 208 -12.43 -5.31 -2.63
N VAL A 210 -9.81 -2.56 -0.82
CA VAL A 210 -9.81 -1.34 -0.02
C VAL A 210 -8.43 -1.20 0.61
N SER A 211 -7.67 -0.13 0.30
CA SER A 211 -6.30 0.01 0.82
C SER A 211 -6.24 0.91 2.07
N ARG A 212 -7.23 0.77 2.95
CA ARG A 212 -7.34 1.56 4.20
C ARG A 212 -8.35 0.90 5.10
N GLU A 213 -8.50 1.41 6.32
CA GLU A 213 -9.53 0.89 7.22
CA GLU A 213 -9.53 0.90 7.20
C GLU A 213 -10.88 1.31 6.65
N LEU A 214 -11.92 0.52 6.87
CA LEU A 214 -13.28 0.87 6.42
C LEU A 214 -13.91 1.72 7.50
N THR A 215 -14.77 2.66 7.14
CA THR A 215 -15.51 3.46 8.12
C THR A 215 -16.61 2.60 8.70
N PRO A 216 -17.19 2.95 9.87
CA PRO A 216 -18.32 2.16 10.39
C PRO A 216 -19.45 2.03 9.36
N GLU A 217 -19.76 3.11 8.59
CA GLU A 217 -20.83 3.05 7.57
C GLU A 217 -20.46 2.08 6.43
N GLU A 218 -19.21 2.15 5.94
CA GLU A 218 -18.76 1.27 4.85
C GLU A 218 -18.81 -0.20 5.28
N GLY A 219 -18.38 -0.47 6.51
CA GLY A 219 -18.33 -1.83 7.05
C GLY A 219 -19.66 -2.54 7.25
N LYS A 220 -20.78 -1.77 7.31
CA LYS A 220 -22.11 -2.34 7.52
C LYS A 220 -22.46 -3.35 6.43
N SER A 221 -22.81 -4.59 6.84
CA SER A 221 -23.19 -5.74 5.98
C SER A 221 -21.97 -6.40 5.34
N LEU A 222 -20.74 -5.91 5.59
CA LEU A 222 -19.55 -6.50 4.98
C LEU A 222 -18.61 -7.14 5.95
N THR A 223 -17.77 -8.05 5.42
CA THR A 223 -16.63 -8.63 6.13
C THR A 223 -15.39 -8.08 5.40
N HIS A 224 -14.38 -7.64 6.15
CA HIS A 224 -13.11 -7.19 5.57
C HIS A 224 -12.01 -8.05 6.12
N ASP A 225 -10.96 -8.23 5.35
CA ASP A 225 -9.85 -9.10 5.71
C ASP A 225 -8.56 -8.52 5.13
N ALA A 226 -7.53 -8.33 5.99
CA ALA A 226 -6.25 -7.80 5.48
C ALA A 226 -5.42 -8.92 4.87
N ILE A 227 -5.24 -8.90 3.54
CA ILE A 227 -4.46 -9.90 2.81
C ILE A 227 -2.97 -9.52 2.82
N ALA A 228 -2.65 -8.28 3.14
CA ALA A 228 -1.28 -7.80 3.18
C ALA A 228 -1.18 -6.50 3.94
N LEU A 229 0.02 -6.20 4.44
CA LEU A 229 0.34 -4.91 5.05
C LEU A 229 1.37 -4.27 4.17
N ASP A 230 1.11 -3.03 3.81
CA ASP A 230 1.99 -2.28 2.94
C ASP A 230 2.65 -1.20 3.74
N GLY A 231 3.94 -1.38 4.05
CA GLY A 231 4.68 -0.37 4.78
C GLY A 231 5.24 0.64 3.79
N ILE A 232 5.49 1.86 4.26
CA ILE A 232 6.09 2.93 3.46
C ILE A 232 7.40 3.31 4.15
N ALA A 233 8.49 3.29 3.40
CA ALA A 233 9.81 3.69 3.87
C ALA A 233 10.08 5.12 3.42
N VAL A 234 10.60 5.94 4.31
CA VAL A 234 11.06 7.30 4.00
C VAL A 234 12.54 7.17 3.78
N VAL A 235 12.99 7.51 2.58
CA VAL A 235 14.37 7.23 2.21
C VAL A 235 15.16 8.50 1.90
N VAL A 236 16.43 8.47 2.27
CA VAL A 236 17.41 9.53 2.05
C VAL A 236 18.65 8.93 1.36
N ASN A 237 19.55 9.80 0.90
CA ASN A 237 20.77 9.35 0.27
C ASN A 237 21.67 8.71 1.33
N ASN A 238 22.46 7.71 0.95
CA ASN A 238 23.39 7.04 1.88
C ASN A 238 24.42 8.02 2.48
N ASP A 239 24.72 9.14 1.80
CA ASP A 239 25.63 10.21 2.26
C ASP A 239 25.05 11.02 3.45
N ASN A 240 23.70 11.01 3.58
CA ASN A 240 22.99 11.76 4.62
C ASN A 240 23.23 11.14 6.00
N LYS A 241 23.81 11.94 6.92
CA LYS A 241 24.13 11.54 8.30
C LYS A 241 22.85 11.39 9.15
N ALA A 242 21.72 12.04 8.76
CA ALA A 242 20.43 11.89 9.48
C ALA A 242 19.96 10.43 9.45
N SER A 243 19.40 9.93 10.55
CA SER A 243 18.97 8.54 10.60
C SER A 243 17.56 8.40 11.14
N GLN A 244 17.02 9.46 11.76
CA GLN A 244 15.67 9.38 12.29
C GLN A 244 14.93 10.71 12.23
N VAL A 245 13.62 10.63 12.07
CA VAL A 245 12.74 11.80 12.09
C VAL A 245 11.54 11.49 12.92
N SER A 246 10.99 12.50 13.60
CA SER A 246 9.71 12.34 14.29
C SER A 246 8.60 12.43 13.23
N ALA A 248 6.19 14.53 13.39
CA ALA A 248 6.02 15.99 13.24
C ALA A 248 7.01 16.52 12.21
N GLU A 249 8.30 16.13 12.35
CA GLU A 249 9.35 16.54 11.42
C GLU A 249 9.03 16.03 10.04
N LEU A 250 8.57 14.76 9.94
CA LEU A 250 8.24 14.15 8.66
C LEU A 250 7.20 14.99 7.90
N ALA A 251 6.11 15.35 8.59
CA ALA A 251 5.06 16.16 7.96
C ALA A 251 5.60 17.57 7.63
N ASP A 252 6.46 18.15 8.51
CA ASP A 252 7.09 19.45 8.29
C ASP A 252 7.96 19.44 7.02
N VAL A 253 8.74 18.35 6.83
CA VAL A 253 9.62 18.24 5.66
C VAL A 253 8.77 18.11 4.36
N PHE A 254 7.82 17.17 4.33
CA PHE A 254 7.05 16.92 3.11
C PHE A 254 6.05 18.03 2.78
N SER A 255 5.65 18.87 3.77
CA SER A 255 4.77 20.03 3.55
C SER A 255 5.61 21.30 3.25
N GLY A 256 6.93 21.18 3.30
CA GLY A 256 7.88 22.26 3.01
C GLY A 256 8.08 23.30 4.09
N LYS A 257 7.76 22.96 5.36
CA LYS A 257 7.91 23.86 6.51
C LYS A 257 9.32 23.83 7.10
N LEU A 258 9.99 22.69 6.99
CA LEU A 258 11.34 22.44 7.46
C LEU A 258 12.15 22.17 6.21
N THR A 259 13.06 23.08 5.85
CA THR A 259 13.71 23.02 4.53
C THR A 259 15.22 22.81 4.53
N THR A 260 15.87 22.71 5.69
CA THR A 260 17.32 22.50 5.72
C THR A 260 17.65 21.28 6.57
N TRP A 261 18.67 20.52 6.16
CA TRP A 261 19.06 19.29 6.86
C TRP A 261 19.62 19.52 8.26
N ASP A 262 20.25 20.68 8.52
CA ASP A 262 20.81 20.99 9.85
C ASP A 262 19.71 21.01 10.95
N LYS A 263 18.41 21.18 10.58
CA LYS A 263 17.30 21.19 11.52
CA LYS A 263 17.30 21.19 11.54
C LYS A 263 16.94 19.77 11.99
N ILE A 264 17.47 18.74 11.28
CA ILE A 264 17.25 17.33 11.60
C ILE A 264 18.52 16.82 12.31
N LYS A 265 18.42 16.56 13.63
CA LYS A 265 19.56 16.12 14.44
C LYS A 265 19.95 14.66 14.17
#